data_4K3Z
#
_entry.id   4K3Z
#
_cell.length_a   103.500
_cell.length_b   103.500
_cell.length_c   256.540
_cell.angle_alpha   90.000
_cell.angle_beta   90.000
_cell.angle_gamma   120.000
#
_symmetry.space_group_name_H-M   'P 62 2 2'
#
loop_
_entity.id
_entity.type
_entity.pdbx_description
1 polymer 'D-erythrulose 4-phosphate dehydrogenase'
2 non-polymer GLYCEROL
3 non-polymer 1,2-ETHANEDIOL
4 water water
#
_entity_poly.entity_id   1
_entity_poly.type   'polypeptide(L)'
_entity_poly.pdbx_seq_one_letter_code
;MAHHHHHHMGTLEAQTQGPGSMALTLSLNTNPLVNRFAEPDDLIETVARDLRLRDLQLTHEFINPSWQASTIRRLTRDMD
RALQRTGVRVTSGMTGPYGRLNHFGHPDRDVRRYYVDWFKTFADIIGDLGGKSVGTQFAIFTYKDFDDPARREELIKIAI
DCWAEVAEHAAGAGLDYVFWEPMSIGREFGETIAECMKLQDRLTAANMAIPMWMMADIDHGDVTSANPDDYDPYAWARTV
PKVSPIIHIKQSLMDKGGHRPFTAAFNAKGRIQPEPLLKAFAEGGAVDNEICLELSFKEREPNDREVIPQIAESVAFWAP
HIDTGAKDLKI
;
_entity_poly.pdbx_strand_id   A,B
#
# COMPACT_ATOMS: atom_id res chain seq x y z
N MET A 22 22.70 22.68 21.24
CA MET A 22 21.82 22.15 20.15
C MET A 22 22.03 20.65 19.94
N ALA A 23 20.97 19.95 19.53
CA ALA A 23 21.04 18.56 19.13
C ALA A 23 20.55 18.44 17.70
N LEU A 24 21.22 19.14 16.80
CA LEU A 24 20.91 19.05 15.39
C LEU A 24 21.26 17.67 14.86
N THR A 25 20.57 17.26 13.82
CA THR A 25 20.91 16.05 13.11
C THR A 25 21.19 16.43 11.69
N LEU A 26 21.71 15.47 10.92
CA LEU A 26 22.20 15.70 9.57
C LEU A 26 21.55 14.71 8.66
N SER A 27 21.09 15.15 7.49
CA SER A 27 20.48 14.26 6.53
C SER A 27 20.92 14.64 5.13
N LEU A 28 20.58 13.79 4.17
CA LEU A 28 20.86 14.09 2.75
C LEU A 28 19.56 13.91 1.96
N ASN A 29 19.19 14.94 1.21
CA ASN A 29 18.20 14.84 0.16
C ASN A 29 18.75 14.01 -1.02
N THR A 30 17.99 13.02 -1.43
CA THR A 30 18.43 12.04 -2.43
C THR A 30 18.37 12.51 -3.89
N ASN A 31 17.99 13.77 -4.15
CA ASN A 31 18.04 14.36 -5.50
C ASN A 31 19.19 13.89 -6.40
N PRO A 32 20.47 14.06 -5.96
CA PRO A 32 21.56 13.70 -6.85
C PRO A 32 21.76 12.18 -7.03
N LEU A 33 21.08 11.36 -6.24
CA LEU A 33 21.12 9.88 -6.36
C LEU A 33 20.06 9.28 -7.30
N VAL A 34 19.12 10.10 -7.76
CA VAL A 34 18.07 9.69 -8.69
C VAL A 34 18.72 9.38 -10.05
N ASN A 35 18.17 8.38 -10.75
CA ASN A 35 18.66 7.91 -12.06
C ASN A 35 19.98 7.07 -11.92
N ARG A 36 20.91 7.62 -11.16
CA ARG A 36 22.23 7.01 -10.91
C ARG A 36 22.15 5.76 -10.04
N PHE A 37 21.09 5.72 -9.23
CA PHE A 37 20.70 4.59 -8.39
C PHE A 37 19.21 4.35 -8.58
N ALA A 38 18.79 3.09 -8.45
CA ALA A 38 17.35 2.76 -8.53
C ALA A 38 16.90 1.65 -7.57
N GLU A 39 17.74 0.64 -7.40
CA GLU A 39 17.42 -0.49 -6.57
C GLU A 39 17.63 -0.12 -5.11
N PRO A 40 16.66 -0.47 -4.24
CA PRO A 40 16.84 -0.02 -2.86
C PRO A 40 18.13 -0.48 -2.19
N ASP A 41 18.58 -1.72 -2.40
CA ASP A 41 19.78 -2.23 -1.76
C ASP A 41 20.98 -1.41 -2.18
N ASP A 42 21.07 -1.19 -3.48
CA ASP A 42 22.16 -0.43 -4.07
C ASP A 42 22.19 1.00 -3.49
N LEU A 43 21.02 1.62 -3.41
CA LEU A 43 20.94 2.99 -2.88
C LEU A 43 21.38 3.02 -1.43
N ILE A 44 20.73 2.20 -0.61
CA ILE A 44 20.89 2.30 0.83
C ILE A 44 22.25 1.80 1.28
N GLU A 45 22.75 0.74 0.66
CA GLU A 45 24.10 0.26 0.96
C GLU A 45 25.21 1.28 0.60
N THR A 46 25.03 2.02 -0.50
CA THR A 46 26.00 3.07 -0.89
C THR A 46 25.99 4.23 0.12
N VAL A 47 24.79 4.63 0.55
CA VAL A 47 24.67 5.67 1.54
C VAL A 47 25.42 5.27 2.81
N ALA A 48 25.14 4.07 3.33
CA ALA A 48 25.81 3.56 4.53
C ALA A 48 27.33 3.37 4.41
N ARG A 49 27.78 2.71 3.34
CA ARG A 49 29.21 2.37 3.18
C ARG A 49 30.03 3.56 2.73
N ASP A 50 29.50 4.30 1.75
CA ASP A 50 30.31 5.28 1.03
C ASP A 50 30.09 6.69 1.54
N LEU A 51 28.88 6.98 1.98
CA LEU A 51 28.59 8.32 2.49
C LEU A 51 28.77 8.47 4.00
N ARG A 52 28.60 7.36 4.72
CA ARG A 52 28.71 7.30 6.19
C ARG A 52 27.72 8.26 6.88
N LEU A 53 26.49 8.23 6.38
CA LEU A 53 25.42 9.07 6.87
C LEU A 53 24.23 8.19 7.26
N ARG A 54 23.56 8.54 8.35
CA ARG A 54 22.36 7.80 8.77
C ARG A 54 21.07 8.20 8.05
N ASP A 55 20.76 9.49 8.10
CA ASP A 55 19.44 10.02 7.74
C ASP A 55 19.31 10.50 6.28
N LEU A 56 18.17 10.19 5.67
CA LEU A 56 17.84 10.59 4.33
C LEU A 56 16.45 11.22 4.26
N GLN A 57 16.37 12.23 3.39
CA GLN A 57 15.11 12.70 2.84
C GLN A 57 14.95 11.99 1.50
N LEU A 58 14.08 11.00 1.46
CA LEU A 58 13.87 10.19 0.25
C LEU A 58 13.01 10.95 -0.72
N THR A 59 13.46 11.02 -1.97
CA THR A 59 12.65 11.63 -3.00
C THR A 59 11.69 10.60 -3.62
N HIS A 60 10.70 11.08 -4.34
CA HIS A 60 9.64 10.22 -4.83
C HIS A 60 10.04 9.23 -5.93
N GLU A 61 11.11 9.51 -6.67
CA GLU A 61 11.43 8.69 -7.86
C GLU A 61 11.77 7.24 -7.56
N PHE A 62 12.25 6.96 -6.34
CA PHE A 62 12.69 5.58 -5.99
C PHE A 62 11.52 4.59 -5.76
N ILE A 63 10.46 5.10 -5.12
CA ILE A 63 9.19 4.35 -5.00
C ILE A 63 8.06 5.32 -5.36
N ASN A 64 7.71 5.35 -6.64
CA ASN A 64 6.79 6.36 -7.14
C ASN A 64 5.35 6.06 -6.81
N PRO A 65 4.66 7.02 -6.14
CA PRO A 65 3.22 6.87 -5.86
C PRO A 65 2.34 6.66 -7.09
N SER A 66 2.83 6.98 -8.29
CA SER A 66 2.07 6.68 -9.54
C SER A 66 2.03 5.19 -9.94
N TRP A 67 2.97 4.40 -9.46
CA TRP A 67 3.12 3.01 -9.90
C TRP A 67 2.02 2.10 -9.38
N GLN A 68 2.01 0.85 -9.87
CA GLN A 68 1.00 -0.11 -9.49
C GLN A 68 1.09 -0.30 -7.98
N ALA A 69 -0.06 -0.41 -7.33
CA ALA A 69 -0.11 -0.55 -5.87
C ALA A 69 0.81 -1.64 -5.32
N SER A 70 0.84 -2.78 -6.01
CA SER A 70 1.62 -3.93 -5.61
C SER A 70 3.13 -3.72 -5.77
N THR A 71 3.52 -3.01 -6.83
CA THR A 71 4.91 -2.60 -7.02
C THR A 71 5.37 -1.69 -5.89
N ILE A 72 4.56 -0.69 -5.55
CA ILE A 72 4.86 0.13 -4.41
C ILE A 72 5.09 -0.69 -3.13
N ARG A 73 4.18 -1.60 -2.81
CA ARG A 73 4.32 -2.43 -1.60
C ARG A 73 5.60 -3.26 -1.62
N ARG A 74 5.85 -3.92 -2.75
CA ARG A 74 7.04 -4.77 -2.90
C ARG A 74 8.32 -3.97 -2.72
N LEU A 75 8.42 -2.81 -3.36
CA LEU A 75 9.60 -1.98 -3.25
C LEU A 75 9.75 -1.32 -1.87
N THR A 76 8.63 -1.04 -1.22
CA THR A 76 8.68 -0.49 0.12
C THR A 76 9.21 -1.54 1.11
N ARG A 77 8.78 -2.79 0.93
CA ARG A 77 9.32 -3.89 1.76
C ARG A 77 10.82 -4.06 1.52
N ASP A 78 11.25 -4.06 0.27
CA ASP A 78 12.68 -4.11 -0.07
C ASP A 78 13.48 -2.98 0.58
N MET A 79 12.93 -1.77 0.52
CA MET A 79 13.61 -0.58 1.03
C MET A 79 13.70 -0.65 2.53
N ASP A 80 12.60 -1.08 3.16
CA ASP A 80 12.54 -1.20 4.61
C ASP A 80 13.53 -2.26 5.12
N ARG A 81 13.66 -3.38 4.41
CA ARG A 81 14.69 -4.39 4.75
C ARG A 81 16.10 -3.81 4.70
N ALA A 82 16.37 -3.02 3.67
CA ALA A 82 17.69 -2.44 3.51
C ALA A 82 18.00 -1.42 4.60
N LEU A 83 17.00 -0.63 5.02
CA LEU A 83 17.17 0.29 6.13
C LEU A 83 17.49 -0.47 7.42
N GLN A 84 16.73 -1.51 7.70
CA GLN A 84 16.91 -2.28 8.92
C GLN A 84 18.28 -2.95 8.97
N ARG A 85 18.69 -3.51 7.83
CA ARG A 85 19.97 -4.20 7.71
C ARG A 85 21.16 -3.27 7.89
N THR A 86 21.04 -2.03 7.39
CA THR A 86 22.17 -1.08 7.30
C THR A 86 22.27 -0.05 8.41
N GLY A 87 21.16 0.20 9.09
CA GLY A 87 21.09 1.26 10.08
C GLY A 87 20.71 2.63 9.53
N VAL A 88 20.63 2.76 8.20
CA VAL A 88 20.19 4.00 7.55
C VAL A 88 18.71 4.23 7.86
N ARG A 89 18.29 5.49 7.87
CA ARG A 89 16.92 5.87 8.17
C ARG A 89 16.38 6.87 7.15
N VAL A 90 15.10 6.70 6.81
CA VAL A 90 14.34 7.66 6.05
C VAL A 90 13.50 8.47 7.03
N THR A 91 13.82 9.76 7.13
CA THR A 91 13.17 10.62 8.10
C THR A 91 12.06 11.48 7.49
N SER A 92 12.04 11.56 6.17
CA SER A 92 11.01 12.31 5.46
C SER A 92 11.01 11.94 3.99
N GLY A 93 9.94 12.35 3.31
CA GLY A 93 9.87 12.31 1.86
C GLY A 93 9.65 13.67 1.24
N MET A 94 10.26 13.89 0.08
CA MET A 94 10.11 15.14 -0.66
C MET A 94 10.05 14.83 -2.15
N THR A 95 9.41 15.71 -2.90
CA THR A 95 9.41 15.57 -4.36
C THR A 95 10.83 15.81 -4.88
N GLY A 96 11.30 14.90 -5.72
CA GLY A 96 12.63 14.98 -6.32
C GLY A 96 12.68 15.99 -7.44
N PRO A 97 13.78 15.95 -8.22
CA PRO A 97 13.92 16.91 -9.32
C PRO A 97 12.82 16.76 -10.36
N TYR A 98 12.25 15.56 -10.49
CA TYR A 98 11.23 15.29 -11.51
C TYR A 98 9.80 15.39 -10.93
N GLY A 99 9.69 16.03 -9.77
CA GLY A 99 8.40 16.30 -9.14
C GLY A 99 8.10 17.78 -8.89
N ARG A 100 8.77 18.69 -9.60
CA ARG A 100 8.56 20.14 -9.42
C ARG A 100 7.46 20.67 -10.34
N LEU A 101 6.21 20.39 -9.94
CA LEU A 101 5.01 20.60 -10.77
C LEU A 101 3.99 21.57 -10.13
N ASN A 102 2.93 21.89 -10.85
CA ASN A 102 1.85 22.74 -10.36
C ASN A 102 1.23 22.14 -9.13
N HIS A 103 0.92 20.84 -9.21
CA HIS A 103 0.43 20.06 -8.09
C HIS A 103 -0.87 20.70 -7.60
N PHE A 104 -0.92 21.16 -6.36
CA PHE A 104 -2.21 21.68 -5.84
C PHE A 104 -2.59 23.07 -6.39
N GLY A 105 -1.67 23.67 -7.17
CA GLY A 105 -1.94 24.85 -7.94
C GLY A 105 -2.33 24.59 -9.38
N HIS A 106 -2.44 23.32 -9.78
CA HIS A 106 -2.97 23.00 -11.11
C HIS A 106 -4.42 23.46 -11.17
N PRO A 107 -4.80 24.14 -12.26
CA PRO A 107 -6.15 24.70 -12.40
C PRO A 107 -7.24 23.69 -12.71
N ASP A 108 -6.84 22.46 -13.05
CA ASP A 108 -7.77 21.41 -13.35
C ASP A 108 -8.08 20.63 -12.09
N ARG A 109 -9.37 20.53 -11.79
CA ARG A 109 -9.83 19.81 -10.57
C ARG A 109 -9.38 18.34 -10.53
N ASP A 110 -9.46 17.67 -11.67
CA ASP A 110 -9.12 16.24 -11.70
C ASP A 110 -7.63 16.04 -11.59
N VAL A 111 -6.85 16.96 -12.15
CA VAL A 111 -5.40 16.88 -11.95
C VAL A 111 -5.07 17.10 -10.48
N ARG A 112 -5.70 18.09 -9.83
CA ARG A 112 -5.44 18.30 -8.40
C ARG A 112 -5.79 17.05 -7.62
N ARG A 113 -6.94 16.46 -7.94
CA ARG A 113 -7.38 15.23 -7.26
C ARG A 113 -6.32 14.13 -7.42
N TYR A 114 -5.81 13.94 -8.63
CA TYR A 114 -4.75 12.93 -8.84
C TYR A 114 -3.59 13.13 -7.86
N TYR A 115 -3.08 14.36 -7.76
CA TYR A 115 -1.92 14.63 -6.91
C TYR A 115 -2.24 14.59 -5.44
N VAL A 116 -3.50 14.83 -5.07
CA VAL A 116 -3.89 14.65 -3.67
C VAL A 116 -3.71 13.18 -3.28
N ASP A 117 -4.30 12.30 -4.07
CA ASP A 117 -4.21 10.86 -3.88
C ASP A 117 -2.76 10.38 -3.98
N TRP A 118 -2.01 10.96 -4.92
CA TRP A 118 -0.57 10.70 -5.07
C TRP A 118 0.21 10.97 -3.79
N PHE A 119 -0.01 12.16 -3.20
CA PHE A 119 0.65 12.54 -1.96
C PHE A 119 0.16 11.71 -0.76
N LYS A 120 -1.09 11.25 -0.80
CA LYS A 120 -1.59 10.32 0.22
C LYS A 120 -0.78 9.02 0.20
N THR A 121 -0.54 8.50 -0.99
CA THR A 121 0.27 7.30 -1.13
C THR A 121 1.75 7.56 -0.75
N PHE A 122 2.27 8.74 -1.08
CA PHE A 122 3.63 9.11 -0.70
C PHE A 122 3.78 9.11 0.82
N ALA A 123 2.75 9.61 1.50
CA ALA A 123 2.68 9.54 2.94
C ALA A 123 2.66 8.09 3.43
N ASP A 124 1.87 7.22 2.79
CA ASP A 124 1.83 5.79 3.15
C ASP A 124 3.23 5.17 3.05
N ILE A 125 3.91 5.48 1.95
CA ILE A 125 5.26 4.95 1.69
C ILE A 125 6.24 5.42 2.77
N ILE A 126 6.28 6.71 3.02
CA ILE A 126 7.22 7.27 3.99
C ILE A 126 6.92 6.77 5.40
N GLY A 127 5.64 6.68 5.74
CA GLY A 127 5.20 6.11 7.04
C GLY A 127 5.63 4.68 7.21
N ASP A 128 5.44 3.87 6.16
CA ASP A 128 5.92 2.48 6.16
C ASP A 128 7.42 2.41 6.47
N LEU A 129 8.18 3.38 5.93
CA LEU A 129 9.62 3.38 6.04
C LEU A 129 10.14 4.00 7.34
N GLY A 130 9.27 4.55 8.17
CA GLY A 130 9.70 5.09 9.47
C GLY A 130 9.84 6.60 9.48
N GLY A 131 9.56 7.22 8.35
CA GLY A 131 9.67 8.68 8.23
C GLY A 131 8.50 9.39 8.89
N LYS A 132 8.66 10.68 9.09
CA LYS A 132 7.70 11.44 9.89
C LYS A 132 7.03 12.60 9.18
N SER A 133 7.36 12.81 7.91
CA SER A 133 6.73 13.87 7.17
C SER A 133 6.94 13.70 5.66
N VAL A 134 6.09 14.40 4.93
CA VAL A 134 6.18 14.49 3.47
CA VAL A 134 6.15 14.45 3.49
C VAL A 134 5.79 15.88 3.02
N GLY A 135 6.35 16.28 1.89
CA GLY A 135 6.03 17.56 1.33
C GLY A 135 6.59 17.82 -0.03
N THR A 136 6.42 19.08 -0.44
CA THR A 136 6.71 19.55 -1.80
C THR A 136 6.57 21.07 -1.75
N GLN A 137 6.54 21.74 -2.91
CA GLN A 137 6.28 23.20 -2.90
C GLN A 137 4.88 23.35 -2.37
N PHE A 138 4.56 24.52 -1.82
CA PHE A 138 3.17 24.75 -1.40
C PHE A 138 2.23 24.49 -2.59
N ALA A 139 2.60 25.09 -3.73
CA ALA A 139 1.95 24.94 -5.03
C ALA A 139 2.86 25.66 -6.04
N ILE A 140 2.61 25.45 -7.32
CA ILE A 140 3.20 26.29 -8.34
C ILE A 140 2.09 26.77 -9.21
N PHE A 141 1.94 28.09 -9.30
CA PHE A 141 0.88 28.67 -10.12
C PHE A 141 1.37 29.06 -11.51
N THR A 142 0.47 28.96 -12.47
CA THR A 142 0.67 29.49 -13.81
C THR A 142 0.70 30.99 -13.72
N TYR A 143 1.26 31.60 -14.76
CA TYR A 143 1.18 33.05 -14.88
C TYR A 143 -0.28 33.48 -14.79
N LYS A 144 -1.14 32.78 -15.51
CA LYS A 144 -2.53 33.17 -15.62
C LYS A 144 -3.24 33.16 -14.26
N ASP A 145 -3.01 32.12 -13.48
CA ASP A 145 -3.65 31.99 -12.19
C ASP A 145 -3.04 32.92 -11.13
N PHE A 146 -1.72 33.13 -11.20
CA PHE A 146 -1.04 34.00 -10.23
C PHE A 146 -1.26 35.50 -10.50
N ASP A 147 -1.31 35.92 -11.75
CA ASP A 147 -1.22 37.35 -12.07
C ASP A 147 -2.53 38.08 -11.88
N ASP A 148 -3.62 37.34 -11.79
CA ASP A 148 -4.94 37.88 -11.45
C ASP A 148 -5.08 37.68 -9.95
N PRO A 149 -4.95 38.75 -9.15
CA PRO A 149 -4.87 38.55 -7.69
C PRO A 149 -6.09 37.88 -7.05
N ALA A 150 -7.25 38.04 -7.65
CA ALA A 150 -8.47 37.42 -7.13
C ALA A 150 -8.48 35.92 -7.38
N ARG A 151 -8.13 35.54 -8.61
CA ARG A 151 -7.97 34.13 -8.94
C ARG A 151 -6.87 33.49 -8.08
N ARG A 152 -5.77 34.22 -7.87
CA ARG A 152 -4.68 33.73 -7.05
C ARG A 152 -5.20 33.34 -5.66
N GLU A 153 -5.86 34.27 -4.99
CA GLU A 153 -6.36 34.02 -3.64
C GLU A 153 -7.34 32.82 -3.62
N GLU A 154 -8.20 32.75 -4.63
CA GLU A 154 -9.15 31.67 -4.71
C GLU A 154 -8.45 30.30 -4.87
N LEU A 155 -7.38 30.29 -5.65
CA LEU A 155 -6.64 29.05 -5.87
C LEU A 155 -5.79 28.68 -4.64
N ILE A 156 -5.32 29.68 -3.91
CA ILE A 156 -4.64 29.44 -2.65
C ILE A 156 -5.58 28.73 -1.66
N LYS A 157 -6.83 29.18 -1.55
CA LYS A 157 -7.75 28.52 -0.61
C LYS A 157 -7.92 27.05 -1.04
N ILE A 158 -8.05 26.84 -2.36
CA ILE A 158 -8.24 25.49 -2.93
C ILE A 158 -7.01 24.64 -2.59
N ALA A 159 -5.82 25.20 -2.77
CA ALA A 159 -4.58 24.47 -2.47
C ALA A 159 -4.43 24.14 -0.99
N ILE A 160 -4.83 25.06 -0.12
CA ILE A 160 -4.83 24.77 1.32
C ILE A 160 -5.72 23.56 1.65
N ASP A 161 -6.89 23.52 1.06
CA ASP A 161 -7.83 22.43 1.31
C ASP A 161 -7.29 21.10 0.80
N CYS A 162 -6.50 21.14 -0.27
CA CYS A 162 -5.81 19.92 -0.75
C CYS A 162 -4.82 19.45 0.31
N TRP A 163 -4.01 20.37 0.83
CA TRP A 163 -3.07 20.06 1.91
C TRP A 163 -3.77 19.45 3.10
N ALA A 164 -4.90 20.01 3.48
CA ALA A 164 -5.68 19.50 4.59
C ALA A 164 -6.06 18.02 4.37
N GLU A 165 -6.44 17.68 3.16
CA GLU A 165 -6.84 16.29 2.88
C GLU A 165 -5.68 15.36 3.04
N VAL A 166 -4.53 15.76 2.50
CA VAL A 166 -3.28 15.00 2.61
C VAL A 166 -2.86 14.82 4.07
N ALA A 167 -2.95 15.90 4.83
CA ALA A 167 -2.59 15.87 6.24
C ALA A 167 -3.45 14.87 7.03
N GLU A 168 -4.74 14.79 6.70
CA GLU A 168 -5.64 13.85 7.37
C GLU A 168 -5.23 12.40 7.08
N HIS A 169 -5.00 12.09 5.80
CA HIS A 169 -4.50 10.76 5.45
C HIS A 169 -3.14 10.44 6.09
N ALA A 170 -2.22 11.40 6.04
CA ALA A 170 -0.87 11.23 6.59
C ALA A 170 -0.89 10.96 8.11
N ALA A 171 -1.85 11.58 8.81
CA ALA A 171 -2.04 11.29 10.22
C ALA A 171 -2.28 9.81 10.38
N GLY A 172 -3.08 9.23 9.50
CA GLY A 172 -3.39 7.80 9.56
C GLY A 172 -2.22 6.91 9.21
N ALA A 173 -1.31 7.46 8.42
CA ALA A 173 -0.11 6.74 8.02
C ALA A 173 1.01 6.84 9.09
N GLY A 174 0.77 7.59 10.16
CA GLY A 174 1.73 7.74 11.27
C GLY A 174 2.75 8.88 11.14
N LEU A 175 2.52 9.83 10.23
CA LEU A 175 3.42 10.97 10.08
C LEU A 175 3.15 11.99 11.17
N ASP A 176 4.13 12.85 11.44
CA ASP A 176 3.99 13.89 12.43
C ASP A 176 3.56 15.23 11.85
N TYR A 177 3.92 15.50 10.60
CA TYR A 177 3.57 16.77 9.95
C TYR A 177 3.73 16.64 8.44
N VAL A 178 3.23 17.62 7.73
CA VAL A 178 3.49 17.77 6.29
C VAL A 178 4.14 19.13 6.10
N PHE A 179 4.77 19.37 4.95
CA PHE A 179 5.51 20.60 4.75
C PHE A 179 5.52 21.14 3.34
N TRP A 180 5.76 22.45 3.27
CA TRP A 180 5.98 23.13 2.01
C TRP A 180 7.37 23.72 1.92
N GLU A 181 7.91 23.83 0.70
CA GLU A 181 9.22 24.43 0.49
C GLU A 181 9.09 25.82 -0.09
N PRO A 182 9.49 26.86 0.67
CA PRO A 182 9.51 28.18 0.07
C PRO A 182 10.50 28.26 -1.10
N MET A 183 10.10 28.97 -2.14
CA MET A 183 10.87 29.08 -3.37
C MET A 183 11.35 30.54 -3.62
N SER A 184 11.55 30.94 -4.87
CA SER A 184 12.27 32.16 -5.16
C SER A 184 11.58 33.13 -6.11
N ILE A 185 10.34 32.82 -6.50
CA ILE A 185 9.50 33.72 -7.31
C ILE A 185 8.09 33.66 -6.72
N GLY A 186 7.29 34.69 -6.98
CA GLY A 186 5.95 34.82 -6.41
C GLY A 186 5.04 33.60 -6.62
N ARG A 187 4.95 33.17 -7.87
CA ARG A 187 4.09 32.07 -8.29
C ARG A 187 4.55 30.68 -7.82
N GLU A 188 5.72 30.61 -7.16
CA GLU A 188 6.17 29.42 -6.46
C GLU A 188 6.22 29.56 -4.94
N PHE A 189 5.84 30.74 -4.46
CA PHE A 189 5.46 31.02 -3.06
C PHE A 189 6.63 31.21 -2.09
N GLY A 190 6.46 32.14 -1.15
CA GLY A 190 7.39 32.31 -0.06
C GLY A 190 8.76 32.84 -0.43
N GLU A 191 8.78 33.71 -1.44
CA GLU A 191 10.02 34.23 -2.07
C GLU A 191 10.71 35.35 -1.29
N THR A 192 10.02 35.88 -0.29
CA THR A 192 10.61 36.82 0.66
C THR A 192 10.34 36.23 2.02
N ILE A 193 11.12 36.63 3.01
CA ILE A 193 10.91 36.14 4.36
C ILE A 193 9.51 36.54 4.85
N ALA A 194 9.13 37.77 4.56
CA ALA A 194 7.81 38.27 4.91
C ALA A 194 6.70 37.42 4.33
N GLU A 195 6.73 37.12 3.04
CA GLU A 195 5.68 36.31 2.39
C GLU A 195 5.66 34.89 2.95
N CYS A 196 6.85 34.34 3.13
CA CYS A 196 7.01 33.01 3.67
C CYS A 196 6.39 32.91 5.05
N MET A 197 6.69 33.86 5.93
CA MET A 197 6.10 33.79 7.27
C MET A 197 4.62 34.11 7.26
N LYS A 198 4.15 34.92 6.32
CA LYS A 198 2.71 35.20 6.17
C LYS A 198 1.94 33.94 5.77
N LEU A 199 2.47 33.22 4.77
CA LEU A 199 1.87 31.96 4.40
C LEU A 199 1.90 30.96 5.54
N GLN A 200 3.06 30.82 6.17
CA GLN A 200 3.15 29.89 7.28
C GLN A 200 2.14 30.22 8.36
N ASP A 201 1.92 31.50 8.65
CA ASP A 201 0.95 31.88 9.70
C ASP A 201 -0.43 31.35 9.33
N ARG A 202 -0.75 31.47 8.06
CA ARG A 202 -1.99 30.96 7.52
C ARG A 202 -2.13 29.43 7.60
N LEU A 203 -1.05 28.70 7.33
CA LEU A 203 -1.12 27.24 7.30
C LEU A 203 -1.18 26.73 8.72
N THR A 204 -0.48 27.39 9.61
CA THR A 204 -0.63 27.03 11.02
C THR A 204 -2.08 27.24 11.51
N ALA A 205 -2.69 28.35 11.12
CA ALA A 205 -4.05 28.70 11.56
C ALA A 205 -5.08 27.72 11.03
N ALA A 206 -4.80 27.15 9.87
CA ALA A 206 -5.74 26.23 9.23
C ALA A 206 -5.99 24.97 10.09
N ASN A 207 -5.07 24.69 11.01
CA ASN A 207 -5.30 23.64 12.01
C ASN A 207 -5.55 22.29 11.36
N MET A 208 -4.55 21.76 10.69
CA MET A 208 -4.76 20.50 9.97
C MET A 208 -4.63 19.31 10.91
N ALA A 209 -5.00 18.11 10.42
CA ALA A 209 -5.06 16.90 11.27
C ALA A 209 -3.72 16.64 11.98
N ILE A 210 -2.65 16.85 11.23
CA ILE A 210 -1.30 17.01 11.78
C ILE A 210 -0.80 18.36 11.26
N PRO A 211 0.12 19.00 11.99
CA PRO A 211 0.55 20.35 11.59
C PRO A 211 1.17 20.40 10.19
N MET A 212 1.00 21.53 9.51
CA MET A 212 1.76 21.83 8.31
C MET A 212 2.83 22.84 8.67
N TRP A 213 4.09 22.47 8.45
CA TRP A 213 5.26 23.36 8.64
C TRP A 213 5.94 23.64 7.31
N MET A 214 7.05 24.38 7.34
CA MET A 214 7.85 24.61 6.13
C MET A 214 9.11 23.74 6.14
N MET A 215 9.75 23.67 4.98
CA MET A 215 11.14 23.24 4.89
C MET A 215 11.91 24.28 4.11
N ALA A 216 12.55 25.20 4.83
CA ALA A 216 13.23 26.31 4.20
C ALA A 216 14.56 25.87 3.60
N ASP A 217 14.92 26.51 2.48
CA ASP A 217 16.21 26.36 1.82
C ASP A 217 16.87 27.72 1.92
N ILE A 218 17.96 27.80 2.69
CA ILE A 218 18.54 29.11 2.98
C ILE A 218 19.17 29.78 1.78
N ASP A 219 19.16 29.12 0.63
CA ASP A 219 19.72 29.70 -0.59
C ASP A 219 18.62 30.29 -1.44
N HIS A 220 17.37 30.00 -1.08
CA HIS A 220 16.21 30.49 -1.79
C HIS A 220 15.88 31.93 -1.38
N GLY A 221 15.05 32.55 -2.22
CA GLY A 221 14.57 33.91 -2.01
C GLY A 221 14.75 34.73 -3.28
N ASP A 222 13.91 35.76 -3.42
CA ASP A 222 13.88 36.55 -4.62
C ASP A 222 15.08 37.51 -4.65
N VAL A 223 16.07 37.17 -5.47
CA VAL A 223 17.29 37.98 -5.60
C VAL A 223 17.07 39.41 -6.10
N THR A 224 15.90 39.71 -6.68
CA THR A 224 15.62 41.08 -7.12
C THR A 224 14.95 41.90 -6.03
N SER A 225 14.69 41.30 -4.88
CA SER A 225 14.08 42.01 -3.77
C SER A 225 14.83 43.31 -3.43
N ALA A 226 14.09 44.37 -3.13
CA ALA A 226 14.68 45.56 -2.52
C ALA A 226 15.09 45.34 -1.05
N ASN A 227 14.73 44.19 -0.48
CA ASN A 227 15.21 43.81 0.84
C ASN A 227 16.35 42.79 0.73
N PRO A 228 17.59 43.19 1.03
CA PRO A 228 18.73 42.25 0.95
C PRO A 228 18.58 40.99 1.83
N ASP A 229 17.81 41.06 2.91
CA ASP A 229 17.61 39.88 3.76
C ASP A 229 17.00 38.70 3.00
N ASP A 230 16.17 39.00 2.00
CA ASP A 230 15.39 37.97 1.31
C ASP A 230 16.22 36.94 0.53
N TYR A 231 17.50 37.23 0.29
CA TYR A 231 18.38 36.29 -0.40
C TYR A 231 19.72 36.21 0.37
N ASP A 232 19.62 36.41 1.68
CA ASP A 232 20.74 36.29 2.61
C ASP A 232 20.55 35.04 3.47
N PRO A 233 21.41 34.02 3.29
CA PRO A 233 21.27 32.79 4.06
C PRO A 233 21.23 32.99 5.58
N TYR A 234 21.92 34.01 6.08
CA TYR A 234 21.92 34.30 7.50
C TYR A 234 20.56 34.84 7.99
N ALA A 235 19.89 35.64 7.18
CA ALA A 235 18.58 36.13 7.55
C ALA A 235 17.58 34.99 7.62
N TRP A 236 17.64 34.04 6.67
CA TRP A 236 16.78 32.87 6.74
C TRP A 236 17.11 32.01 7.95
N ALA A 237 18.41 31.86 8.24
CA ALA A 237 18.87 31.06 9.38
C ALA A 237 18.29 31.56 10.69
N ARG A 238 18.17 32.88 10.84
CA ARG A 238 17.68 33.49 12.06
C ARG A 238 16.16 33.50 12.16
N THR A 239 15.49 33.20 11.07
CA THR A 239 14.06 33.35 11.01
C THR A 239 13.28 32.03 11.07
N VAL A 240 13.84 30.97 10.48
CA VAL A 240 13.03 29.76 10.18
C VAL A 240 13.01 28.59 11.19
N PRO A 241 14.04 28.46 12.05
CA PRO A 241 14.15 27.19 12.78
C PRO A 241 12.92 26.75 13.57
N LYS A 242 12.13 27.67 14.12
CA LYS A 242 10.96 27.27 14.90
C LYS A 242 9.77 26.84 14.07
N VAL A 243 9.82 27.10 12.77
CA VAL A 243 8.74 26.71 11.88
C VAL A 243 9.22 25.79 10.75
N SER A 244 10.48 25.35 10.81
CA SER A 244 11.10 24.58 9.73
C SER A 244 11.91 23.41 10.30
N PRO A 245 11.23 22.30 10.60
CA PRO A 245 11.88 21.19 11.28
C PRO A 245 13.06 20.65 10.51
N ILE A 246 12.91 20.55 9.20
CA ILE A 246 14.02 20.30 8.33
C ILE A 246 14.44 21.61 7.67
N ILE A 247 15.74 21.81 7.52
CA ILE A 247 16.29 23.01 6.82
C ILE A 247 17.32 22.57 5.77
N HIS A 248 17.08 22.92 4.52
CA HIS A 248 18.05 22.59 3.47
C HIS A 248 19.23 23.55 3.48
N ILE A 249 20.43 22.99 3.42
CA ILE A 249 21.65 23.72 3.13
C ILE A 249 22.27 23.17 1.84
N LYS A 250 22.31 24.02 0.84
CA LYS A 250 23.03 23.80 -0.39
C LYS A 250 24.54 23.84 -0.04
N GLN A 251 25.25 22.76 -0.34
CA GLN A 251 26.67 22.69 0.01
C GLN A 251 27.53 23.70 -0.76
N SER A 252 27.09 24.11 -1.96
CA SER A 252 27.82 25.09 -2.77
C SER A 252 27.90 26.46 -2.05
N LEU A 253 27.04 26.69 -1.06
CA LEU A 253 27.09 27.92 -0.27
C LEU A 253 28.35 28.04 0.58
N MET A 254 28.93 26.90 0.91
CA MET A 254 29.95 26.81 1.93
C MET A 254 31.37 27.00 1.37
N ASP A 255 32.19 27.70 2.14
CA ASP A 255 33.62 27.95 1.88
C ASP A 255 34.34 26.61 1.84
N LYS A 256 35.05 26.33 0.75
CA LYS A 256 35.78 25.05 0.60
C LYS A 256 37.25 25.13 1.06
N GLY A 257 37.71 26.34 1.38
CA GLY A 257 39.04 26.55 1.93
C GLY A 257 39.93 27.19 0.91
N GLY A 258 41.14 27.52 1.32
CA GLY A 258 42.13 28.09 0.40
C GLY A 258 41.77 29.44 -0.21
N HIS A 259 40.95 30.22 0.48
CA HIS A 259 40.77 31.63 0.13
C HIS A 259 41.47 32.44 1.21
N ARG A 260 41.96 33.61 0.83
CA ARG A 260 42.57 34.52 1.79
C ARG A 260 41.44 35.02 2.69
N PRO A 261 41.67 35.05 4.00
CA PRO A 261 40.58 35.54 4.88
C PRO A 261 40.21 37.00 4.62
N PHE A 262 38.93 37.31 4.78
CA PHE A 262 38.36 38.65 4.57
C PHE A 262 38.51 39.17 3.14
N THR A 263 38.51 38.25 2.16
CA THR A 263 38.49 38.66 0.75
C THR A 263 37.07 38.61 0.20
N ALA A 264 36.13 38.14 1.01
CA ALA A 264 34.73 38.19 0.65
C ALA A 264 33.89 38.40 1.89
N ALA A 265 32.66 38.83 1.69
CA ALA A 265 31.68 39.00 2.76
C ALA A 265 31.41 37.68 3.46
N PHE A 266 31.18 37.75 4.77
CA PHE A 266 30.94 36.54 5.58
C PHE A 266 29.72 35.78 5.08
N ASN A 267 28.78 36.51 4.48
CA ASN A 267 27.52 35.92 4.04
C ASN A 267 27.48 35.76 2.51
N ALA A 268 28.64 35.87 1.87
CA ALA A 268 28.74 35.68 0.43
C ALA A 268 28.58 34.20 0.10
N LYS A 269 27.72 33.95 -0.87
CA LYS A 269 27.38 32.59 -1.26
C LYS A 269 28.60 32.00 -1.94
N GLY A 270 29.05 30.87 -1.40
CA GLY A 270 30.30 30.22 -1.79
C GLY A 270 31.40 30.43 -0.78
N ARG A 271 31.15 31.30 0.21
CA ARG A 271 32.14 31.66 1.21
C ARG A 271 31.63 31.55 2.62
N ILE A 272 30.50 30.91 2.82
CA ILE A 272 29.93 30.84 4.14
C ILE A 272 30.58 29.74 4.98
N GLN A 273 30.78 30.02 6.27
CA GLN A 273 31.44 29.11 7.18
C GLN A 273 30.50 28.49 8.21
N PRO A 274 30.73 27.20 8.53
CA PRO A 274 29.73 26.45 9.26
C PRO A 274 29.50 26.94 10.70
N GLU A 275 30.58 27.28 11.40
CA GLU A 275 30.50 27.67 12.81
C GLU A 275 29.59 28.87 13.00
N PRO A 276 29.83 29.97 12.27
CA PRO A 276 28.96 31.13 12.48
C PRO A 276 27.55 30.92 11.95
N LEU A 277 27.42 30.19 10.83
CA LEU A 277 26.09 29.86 10.31
C LEU A 277 25.24 29.13 11.36
N LEU A 278 25.83 28.14 12.00
CA LEU A 278 25.18 27.40 13.04
C LEU A 278 24.79 28.28 14.24
N LYS A 279 25.64 29.24 14.56
CA LYS A 279 25.32 30.21 15.61
C LYS A 279 24.08 31.01 15.20
N ALA A 280 24.02 31.41 13.94
CA ALA A 280 22.85 32.10 13.42
C ALA A 280 21.59 31.24 13.54
N PHE A 281 21.66 29.96 13.18
CA PHE A 281 20.50 29.07 13.43
C PHE A 281 20.12 29.05 14.91
N ALA A 282 21.13 29.03 15.78
CA ALA A 282 20.90 29.04 17.22
C ALA A 282 20.19 30.31 17.67
N GLU A 283 20.62 31.46 17.17
CA GLU A 283 19.93 32.72 17.48
C GLU A 283 18.48 32.68 16.94
N GLY A 284 18.24 31.87 15.91
CA GLY A 284 16.89 31.70 15.36
C GLY A 284 16.02 30.74 16.12
N GLY A 285 16.58 30.16 17.18
CA GLY A 285 15.88 29.22 18.05
C GLY A 285 15.96 27.75 17.65
N ALA A 286 16.90 27.40 16.77
CA ALA A 286 17.18 26.01 16.46
C ALA A 286 17.69 25.25 17.67
N VAL A 287 17.06 24.09 17.96
CA VAL A 287 17.51 23.13 18.98
C VAL A 287 17.74 21.71 18.42
N ASP A 288 16.77 21.17 17.68
CA ASP A 288 16.87 19.80 17.16
C ASP A 288 16.39 19.67 15.72
N ASN A 289 16.61 20.71 14.94
CA ASN A 289 16.32 20.70 13.51
C ASN A 289 17.19 19.66 12.82
N GLU A 290 16.65 19.08 11.76
CA GLU A 290 17.40 18.27 10.85
C GLU A 290 18.00 19.20 9.80
N ILE A 291 19.32 19.20 9.70
CA ILE A 291 19.99 19.91 8.64
C ILE A 291 20.19 18.95 7.47
N CYS A 292 19.58 19.29 6.33
CA CYS A 292 19.50 18.44 5.18
C CYS A 292 20.36 18.98 4.04
N LEU A 293 21.37 18.22 3.69
CA LEU A 293 22.32 18.62 2.66
C LEU A 293 21.73 18.44 1.29
N GLU A 294 21.90 19.48 0.47
CA GLU A 294 21.45 19.52 -0.92
C GLU A 294 22.66 19.72 -1.88
N LEU A 295 22.84 18.77 -2.78
CA LEU A 295 23.87 18.80 -3.82
C LEU A 295 23.27 18.41 -5.17
N SER A 296 23.83 18.98 -6.25
CA SER A 296 23.44 18.63 -7.61
C SER A 296 24.68 18.49 -8.48
N PHE A 297 24.59 17.61 -9.48
CA PHE A 297 25.67 17.31 -10.42
C PHE A 297 25.10 17.18 -11.82
N LYS A 298 25.68 17.91 -12.76
CA LYS A 298 25.30 17.92 -14.16
C LYS A 298 25.53 16.56 -14.75
N GLU A 299 24.69 16.19 -15.70
CA GLU A 299 24.81 14.90 -16.39
C GLU A 299 25.78 15.06 -17.56
N ARG A 300 27.00 15.40 -17.18
CA ARG A 300 28.09 15.64 -18.08
C ARG A 300 29.33 15.21 -17.29
N GLU A 301 30.42 14.87 -17.98
CA GLU A 301 31.65 14.46 -17.31
C GLU A 301 32.48 15.70 -17.09
N PRO A 302 33.28 15.74 -16.01
CA PRO A 302 33.44 14.70 -15.00
C PRO A 302 32.42 14.79 -13.85
N ASN A 303 31.51 15.76 -13.91
CA ASN A 303 30.54 16.00 -12.85
C ASN A 303 29.70 14.79 -12.49
N ASP A 304 29.26 14.02 -13.49
CA ASP A 304 28.38 12.88 -13.23
C ASP A 304 29.01 11.78 -12.39
N ARG A 305 30.34 11.74 -12.38
CA ARG A 305 31.10 10.76 -11.61
C ARG A 305 31.77 11.38 -10.37
N GLU A 306 31.39 12.60 -10.01
CA GLU A 306 31.91 13.25 -8.77
C GLU A 306 30.88 13.22 -7.64
N VAL A 307 29.72 12.61 -7.94
CA VAL A 307 28.55 12.56 -7.05
C VAL A 307 28.87 11.91 -5.70
N ILE A 308 29.24 10.63 -5.70
CA ILE A 308 29.51 9.98 -4.41
C ILE A 308 30.71 10.60 -3.66
N PRO A 309 31.84 10.82 -4.35
CA PRO A 309 32.97 11.44 -3.67
C PRO A 309 32.62 12.79 -3.05
N GLN A 310 31.93 13.65 -3.78
CA GLN A 310 31.66 14.98 -3.23
C GLN A 310 30.58 15.00 -2.14
N ILE A 311 29.60 14.10 -2.20
CA ILE A 311 28.62 13.97 -1.11
C ILE A 311 29.33 13.41 0.12
N ALA A 312 30.22 12.43 -0.07
CA ALA A 312 31.00 11.88 1.05
C ALA A 312 31.75 12.99 1.70
N GLU A 313 32.44 13.79 0.86
CA GLU A 313 33.22 14.94 1.33
C GLU A 313 32.36 15.95 2.11
N SER A 314 31.16 16.24 1.59
CA SER A 314 30.25 17.17 2.25
CA SER A 314 30.24 17.17 2.25
C SER A 314 29.83 16.70 3.64
N VAL A 315 29.50 15.40 3.77
CA VAL A 315 29.21 14.79 5.09
C VAL A 315 30.41 14.92 6.06
N ALA A 316 31.61 14.60 5.58
CA ALA A 316 32.81 14.78 6.40
C ALA A 316 33.04 16.26 6.70
N PHE A 317 32.60 17.15 5.82
CA PHE A 317 32.68 18.59 6.11
C PHE A 317 31.85 18.95 7.35
N TRP A 318 30.66 18.36 7.46
CA TRP A 318 29.74 18.76 8.54
C TRP A 318 29.95 18.00 9.83
N ALA A 319 30.57 16.82 9.71
CA ALA A 319 30.67 15.86 10.82
C ALA A 319 31.25 16.43 12.12
N PRO A 320 32.25 17.33 12.05
CA PRO A 320 32.69 17.93 13.31
C PRO A 320 31.66 18.90 13.94
N HIS A 321 30.68 19.34 13.14
CA HIS A 321 29.75 20.40 13.52
C HIS A 321 28.38 19.82 13.89
N ILE A 322 27.95 18.79 13.16
CA ILE A 322 26.66 18.13 13.37
C ILE A 322 26.87 16.63 13.31
N ASP A 323 26.40 15.91 14.32
CA ASP A 323 26.58 14.48 14.32
C ASP A 323 25.93 13.85 13.07
N THR A 324 26.68 12.98 12.38
CA THR A 324 26.23 12.37 11.13
C THR A 324 25.33 11.15 11.37
N GLY A 325 25.31 10.66 12.61
CA GLY A 325 24.56 9.45 12.95
C GLY A 325 25.24 8.12 12.58
N ALA A 326 26.49 8.21 12.12
CA ALA A 326 27.20 7.03 11.65
C ALA A 326 27.39 5.98 12.75
N LYS A 327 27.37 6.40 14.01
CA LYS A 327 27.38 5.47 15.16
C LYS A 327 26.28 4.41 15.09
N ASP A 328 25.20 4.69 14.35
CA ASP A 328 24.08 3.74 14.19
C ASP A 328 24.17 2.88 12.94
N LEU A 329 25.11 3.15 12.06
CA LEU A 329 25.29 2.31 10.88
C LEU A 329 25.80 0.95 11.33
N LYS A 330 25.22 -0.09 10.75
CA LYS A 330 25.52 -1.47 11.10
C LYS A 330 26.51 -2.11 10.14
N ILE A 331 26.82 -1.42 9.05
CA ILE A 331 27.80 -1.89 8.09
C ILE A 331 28.82 -0.80 7.82
N MET B 22 -10.09 -34.93 14.64
CA MET B 22 -10.34 -33.78 13.71
C MET B 22 -10.52 -32.46 14.45
N ALA B 23 -9.86 -31.42 13.94
CA ALA B 23 -9.89 -30.06 14.49
C ALA B 23 -10.28 -29.08 13.38
N LEU B 24 -11.47 -29.31 12.81
CA LEU B 24 -12.00 -28.48 11.74
C LEU B 24 -12.42 -27.13 12.29
N THR B 25 -12.32 -26.09 11.48
CA THR B 25 -12.90 -24.79 11.82
C THR B 25 -14.05 -24.45 10.86
N LEU B 26 -14.88 -23.49 11.26
CA LEU B 26 -15.90 -22.97 10.40
C LEU B 26 -15.59 -21.53 9.98
N SER B 27 -15.88 -21.20 8.72
CA SER B 27 -15.80 -19.83 8.22
C SER B 27 -17.01 -19.45 7.38
N LEU B 28 -17.03 -18.20 6.95
CA LEU B 28 -18.08 -17.65 6.14
C LEU B 28 -17.46 -16.88 4.99
N ASN B 29 -17.84 -17.22 3.78
CA ASN B 29 -17.48 -16.43 2.62
C ASN B 29 -18.42 -15.22 2.57
N THR B 30 -17.87 -14.04 2.29
CA THR B 30 -18.64 -12.80 2.40
C THR B 30 -19.56 -12.47 1.21
N ASN B 31 -19.62 -13.34 0.20
CA ASN B 31 -20.52 -13.18 -0.95
C ASN B 31 -21.86 -12.56 -0.62
N PRO B 32 -22.65 -13.17 0.29
CA PRO B 32 -23.99 -12.63 0.53
C PRO B 32 -24.05 -11.33 1.32
N LEU B 33 -22.93 -10.88 1.88
CA LEU B 33 -22.86 -9.61 2.59
C LEU B 33 -22.45 -8.43 1.66
N VAL B 34 -22.05 -8.74 0.44
CA VAL B 34 -21.65 -7.71 -0.55
C VAL B 34 -22.84 -6.81 -0.84
N ASN B 35 -22.55 -5.52 -1.07
CA ASN B 35 -23.61 -4.52 -1.36
CA ASN B 35 -23.48 -4.40 -1.24
C ASN B 35 -24.51 -4.21 -0.14
N ARG B 36 -24.84 -5.26 0.61
CA ARG B 36 -25.71 -5.12 1.76
C ARG B 36 -24.95 -4.49 2.90
N PHE B 37 -23.64 -4.73 2.93
CA PHE B 37 -22.67 -4.10 3.84
C PHE B 37 -21.50 -3.55 3.03
N ALA B 38 -20.93 -2.43 3.49
CA ALA B 38 -19.78 -1.82 2.80
C ALA B 38 -18.66 -1.30 3.75
N GLU B 39 -19.02 -0.69 4.86
CA GLU B 39 -18.00 -0.18 5.77
C GLU B 39 -17.43 -1.34 6.59
N PRO B 40 -16.11 -1.32 6.87
CA PRO B 40 -15.53 -2.38 7.68
C PRO B 40 -16.16 -2.57 9.04
N ASP B 41 -16.38 -1.51 9.80
CA ASP B 41 -16.98 -1.63 11.14
C ASP B 41 -18.34 -2.30 11.06
N ASP B 42 -19.14 -1.85 10.11
CA ASP B 42 -20.48 -2.36 9.89
C ASP B 42 -20.44 -3.86 9.56
N LEU B 43 -19.57 -4.23 8.62
CA LEU B 43 -19.47 -5.62 8.21
C LEU B 43 -18.99 -6.50 9.38
N ILE B 44 -17.89 -6.08 9.97
CA ILE B 44 -17.22 -6.91 10.96
C ILE B 44 -18.00 -6.99 12.28
N GLU B 45 -18.63 -5.91 12.71
CA GLU B 45 -19.38 -5.96 13.96
C GLU B 45 -20.65 -6.83 13.81
N THR B 46 -21.28 -6.77 12.64
CA THR B 46 -22.42 -7.64 12.35
C THR B 46 -22.03 -9.11 12.36
N VAL B 47 -20.93 -9.46 11.70
CA VAL B 47 -20.42 -10.83 11.78
C VAL B 47 -20.25 -11.27 13.23
N ALA B 48 -19.62 -10.44 14.05
CA ALA B 48 -19.35 -10.81 15.44
C ALA B 48 -20.62 -10.95 16.28
N ARG B 49 -21.50 -9.96 16.19
CA ARG B 49 -22.64 -9.86 17.08
C ARG B 49 -23.84 -10.68 16.63
N ASP B 50 -24.14 -10.69 15.34
CA ASP B 50 -25.35 -11.34 14.82
C ASP B 50 -25.13 -12.75 14.24
N LEU B 51 -23.96 -13.00 13.68
CA LEU B 51 -23.66 -14.30 13.12
C LEU B 51 -22.92 -15.21 14.09
N ARG B 52 -22.17 -14.61 15.01
CA ARG B 52 -21.42 -15.32 16.03
C ARG B 52 -20.43 -16.36 15.48
N LEU B 53 -19.64 -15.97 14.50
CA LEU B 53 -18.48 -16.80 14.17
C LEU B 53 -17.25 -15.94 13.98
N ARG B 54 -16.09 -16.60 14.08
CA ARG B 54 -14.83 -15.90 14.08
C ARG B 54 -14.25 -15.65 12.69
N ASP B 55 -14.20 -16.68 11.84
CA ASP B 55 -13.38 -16.63 10.61
C ASP B 55 -14.15 -16.30 9.32
N LEU B 56 -13.59 -15.37 8.54
CA LEU B 56 -14.17 -14.96 7.26
C LEU B 56 -13.26 -15.27 6.11
N GLN B 57 -13.88 -15.65 4.99
CA GLN B 57 -13.23 -15.59 3.70
C GLN B 57 -13.69 -14.26 3.08
N LEU B 58 -12.77 -13.28 2.99
CA LEU B 58 -13.15 -11.91 2.59
C LEU B 58 -13.17 -11.80 1.05
N THR B 59 -14.29 -11.31 0.50
CA THR B 59 -14.38 -11.12 -0.93
C THR B 59 -13.81 -9.73 -1.33
N HIS B 60 -13.46 -9.62 -2.60
CA HIS B 60 -12.69 -8.50 -3.06
C HIS B 60 -13.46 -7.22 -3.06
N GLU B 61 -14.79 -7.28 -2.90
CA GLU B 61 -15.59 -6.08 -3.12
C GLU B 61 -15.43 -5.08 -2.00
N PHE B 62 -15.02 -5.55 -0.82
CA PHE B 62 -14.96 -4.68 0.35
C PHE B 62 -13.77 -3.77 0.29
N ILE B 63 -12.62 -4.33 -0.12
CA ILE B 63 -11.43 -3.54 -0.36
C ILE B 63 -10.90 -4.00 -1.70
N ASN B 64 -11.28 -3.25 -2.72
CA ASN B 64 -11.03 -3.68 -4.09
C ASN B 64 -9.63 -3.34 -4.56
N PRO B 65 -8.87 -4.35 -5.01
CA PRO B 65 -7.54 -4.12 -5.57
C PRO B 65 -7.50 -3.07 -6.72
N SER B 66 -8.63 -2.79 -7.39
CA SER B 66 -8.66 -1.79 -8.46
C SER B 66 -8.61 -0.35 -7.99
N TRP B 67 -8.91 -0.10 -6.73
CA TRP B 67 -9.04 1.28 -6.28
C TRP B 67 -7.68 1.97 -6.07
N GLN B 68 -7.73 3.27 -5.82
CA GLN B 68 -6.55 4.08 -5.54
C GLN B 68 -5.71 3.41 -4.42
N ALA B 69 -4.38 3.43 -4.55
CA ALA B 69 -3.51 2.74 -3.58
C ALA B 69 -3.75 3.28 -2.17
N SER B 70 -3.93 4.58 -2.05
CA SER B 70 -4.20 5.24 -0.75
C SER B 70 -5.54 4.86 -0.12
N THR B 71 -6.55 4.66 -0.97
CA THR B 71 -7.85 4.18 -0.50
C THR B 71 -7.72 2.79 0.09
N ILE B 72 -7.02 1.90 -0.61
CA ILE B 72 -6.75 0.54 -0.15
C ILE B 72 -6.04 0.53 1.21
N ARG B 73 -4.98 1.32 1.36
CA ARG B 73 -4.28 1.36 2.65
C ARG B 73 -5.19 1.83 3.77
N ARG B 74 -5.97 2.87 3.51
CA ARG B 74 -6.82 3.42 4.56
C ARG B 74 -7.88 2.38 4.96
N LEU B 75 -8.53 1.76 3.97
CA LEU B 75 -9.58 0.78 4.24
C LEU B 75 -9.04 -0.51 4.85
N THR B 76 -7.81 -0.87 4.48
CA THR B 76 -7.17 -2.03 5.10
C THR B 76 -6.90 -1.74 6.58
N ARG B 77 -6.49 -0.52 6.90
CA ARG B 77 -6.20 -0.14 8.30
C ARG B 77 -7.52 -0.20 9.10
N ASP B 78 -8.56 0.43 8.54
CA ASP B 78 -9.92 0.37 9.10
CA ASP B 78 -9.92 0.38 9.12
C ASP B 78 -10.37 -1.06 9.40
N MET B 79 -10.22 -1.93 8.42
CA MET B 79 -10.66 -3.31 8.59
C MET B 79 -9.85 -4.02 9.68
N ASP B 80 -8.55 -3.84 9.65
CA ASP B 80 -7.67 -4.48 10.62
C ASP B 80 -8.04 -4.03 12.02
N ARG B 81 -8.30 -2.73 12.18
CA ARG B 81 -8.80 -2.21 13.46
C ARG B 81 -10.10 -2.91 13.93
N ALA B 82 -11.02 -3.14 13.02
CA ALA B 82 -12.29 -3.81 13.39
C ALA B 82 -12.08 -5.29 13.75
N LEU B 83 -11.18 -5.95 13.03
CA LEU B 83 -10.82 -7.33 13.35
C LEU B 83 -10.20 -7.43 14.75
N GLN B 84 -9.22 -6.58 15.05
CA GLN B 84 -8.63 -6.52 16.38
C GLN B 84 -9.63 -6.24 17.51
N ARG B 85 -10.57 -5.33 17.25
CA ARG B 85 -11.56 -4.94 18.27
C ARG B 85 -12.57 -6.05 18.57
N THR B 86 -13.02 -6.74 17.53
CA THR B 86 -14.09 -7.72 17.65
C THR B 86 -13.64 -9.16 17.87
N GLY B 87 -12.44 -9.49 17.40
CA GLY B 87 -11.90 -10.84 17.55
C GLY B 87 -12.12 -11.60 16.26
N VAL B 88 -12.94 -11.05 15.37
CA VAL B 88 -13.14 -11.66 14.04
C VAL B 88 -11.79 -11.73 13.34
N ARG B 89 -11.63 -12.75 12.49
CA ARG B 89 -10.41 -12.94 11.68
C ARG B 89 -10.71 -13.11 10.21
N VAL B 90 -9.79 -12.62 9.39
CA VAL B 90 -9.83 -12.82 7.94
C VAL B 90 -8.73 -13.84 7.67
N THR B 91 -9.15 -15.01 7.22
CA THR B 91 -8.23 -16.13 7.06
C THR B 91 -7.81 -16.33 5.60
N SER B 92 -8.64 -15.85 4.67
CA SER B 92 -8.28 -15.84 3.27
C SER B 92 -9.06 -14.80 2.49
N GLY B 93 -8.67 -14.64 1.22
CA GLY B 93 -9.35 -13.80 0.25
C GLY B 93 -9.78 -14.55 -0.99
N MET B 94 -10.94 -14.19 -1.51
CA MET B 94 -11.50 -14.85 -2.68
C MET B 94 -12.27 -13.83 -3.51
N THR B 95 -12.27 -13.98 -4.83
CA THR B 95 -13.13 -13.15 -5.66
C THR B 95 -14.60 -13.40 -5.30
N GLY B 96 -15.32 -12.30 -5.05
CA GLY B 96 -16.73 -12.36 -4.74
C GLY B 96 -17.59 -12.52 -5.97
N PRO B 97 -18.90 -12.31 -5.82
CA PRO B 97 -19.82 -12.56 -6.93
C PRO B 97 -19.51 -11.74 -8.18
N TYR B 98 -18.92 -10.56 -7.98
CA TYR B 98 -18.65 -9.64 -9.08
C TYR B 98 -17.20 -9.76 -9.57
N GLY B 99 -16.58 -10.89 -9.25
CA GLY B 99 -15.22 -11.18 -9.69
C GLY B 99 -15.10 -12.53 -10.38
N ARG B 100 -16.20 -13.08 -10.90
CA ARG B 100 -16.15 -14.33 -11.67
C ARG B 100 -15.89 -14.05 -13.17
N LEU B 101 -14.63 -13.81 -13.50
CA LEU B 101 -14.24 -13.33 -14.83
C LEU B 101 -13.25 -14.28 -15.53
N ASN B 102 -12.96 -14.04 -16.80
CA ASN B 102 -11.92 -14.82 -17.49
C ASN B 102 -10.61 -14.85 -16.67
N HIS B 103 -10.20 -13.67 -16.18
CA HIS B 103 -8.96 -13.52 -15.39
C HIS B 103 -7.71 -14.04 -16.14
N PHE B 104 -7.04 -15.07 -15.61
CA PHE B 104 -5.82 -15.51 -16.23
C PHE B 104 -6.14 -16.33 -17.48
N GLY B 105 -7.42 -16.59 -17.72
CA GLY B 105 -7.89 -17.12 -18.97
C GLY B 105 -8.23 -16.05 -20.00
N HIS B 106 -8.15 -14.77 -19.65
CA HIS B 106 -8.47 -13.75 -20.64
C HIS B 106 -7.47 -13.85 -21.82
N PRO B 107 -7.97 -13.78 -23.06
CA PRO B 107 -7.07 -13.98 -24.21
C PRO B 107 -6.13 -12.82 -24.50
N ASP B 108 -6.40 -11.64 -23.91
CA ASP B 108 -5.56 -10.48 -24.12
C ASP B 108 -4.46 -10.36 -23.07
N ARG B 109 -3.22 -10.28 -23.55
CA ARG B 109 -2.04 -10.26 -22.69
C ARG B 109 -2.06 -9.09 -21.71
N ASP B 110 -2.47 -7.91 -22.17
CA ASP B 110 -2.50 -6.74 -21.27
C ASP B 110 -3.59 -6.88 -20.19
N VAL B 111 -4.72 -7.50 -20.55
CA VAL B 111 -5.78 -7.75 -19.60
C VAL B 111 -5.32 -8.75 -18.55
N ARG B 112 -4.66 -9.83 -18.96
CA ARG B 112 -4.11 -10.78 -17.99
C ARG B 112 -3.15 -10.11 -17.02
N ARG B 113 -2.33 -9.20 -17.55
CA ARG B 113 -1.36 -8.44 -16.77
C ARG B 113 -2.05 -7.57 -15.74
N TYR B 114 -3.11 -6.88 -16.15
CA TYR B 114 -3.92 -6.14 -15.19
C TYR B 114 -4.36 -7.05 -14.03
N TYR B 115 -4.80 -8.25 -14.34
CA TYR B 115 -5.29 -9.12 -13.26
C TYR B 115 -4.19 -9.77 -12.42
N VAL B 116 -3.03 -10.00 -13.01
CA VAL B 116 -1.84 -10.39 -12.24
C VAL B 116 -1.51 -9.30 -11.17
N ASP B 117 -1.45 -8.05 -11.59
CA ASP B 117 -1.27 -6.94 -10.63
C ASP B 117 -2.42 -6.82 -9.60
N TRP B 118 -3.63 -7.05 -10.06
CA TRP B 118 -4.82 -7.01 -9.22
C TRP B 118 -4.70 -8.05 -8.09
N PHE B 119 -4.40 -9.29 -8.48
CA PHE B 119 -4.20 -10.38 -7.52
C PHE B 119 -2.99 -10.19 -6.59
N LYS B 120 -1.91 -9.58 -7.10
CA LYS B 120 -0.77 -9.20 -6.25
C LYS B 120 -1.21 -8.25 -5.12
N THR B 121 -2.07 -7.28 -5.45
CA THR B 121 -2.59 -6.34 -4.47
C THR B 121 -3.58 -7.02 -3.52
N PHE B 122 -4.43 -7.91 -4.06
CA PHE B 122 -5.35 -8.68 -3.23
C PHE B 122 -4.53 -9.44 -2.17
N ALA B 123 -3.41 -10.04 -2.59
CA ALA B 123 -2.49 -10.70 -1.64
C ALA B 123 -1.94 -9.76 -0.56
N ASP B 124 -1.57 -8.56 -0.97
CA ASP B 124 -1.11 -7.56 -0.02
C ASP B 124 -2.20 -7.25 1.00
N ILE B 125 -3.41 -7.03 0.52
CA ILE B 125 -4.54 -6.69 1.39
C ILE B 125 -4.82 -7.83 2.40
N ILE B 126 -4.91 -9.04 1.89
CA ILE B 126 -5.17 -10.21 2.75
C ILE B 126 -4.01 -10.48 3.72
N GLY B 127 -2.77 -10.35 3.24
CA GLY B 127 -1.61 -10.42 4.11
C GLY B 127 -1.59 -9.36 5.20
N ASP B 128 -1.91 -8.12 4.86
CA ASP B 128 -2.07 -7.07 5.87
C ASP B 128 -3.13 -7.45 6.91
N LEU B 129 -4.18 -8.15 6.49
CA LEU B 129 -5.29 -8.48 7.41
C LEU B 129 -5.05 -9.74 8.24
N GLY B 130 -3.92 -10.43 8.00
CA GLY B 130 -3.56 -11.66 8.73
C GLY B 130 -4.05 -12.95 8.06
N GLY B 131 -4.60 -12.84 6.85
CA GLY B 131 -5.01 -14.00 6.08
C GLY B 131 -3.82 -14.76 5.50
N LYS B 132 -4.08 -15.98 5.06
CA LYS B 132 -3.03 -16.93 4.68
C LYS B 132 -3.10 -17.39 3.21
N SER B 133 -4.08 -16.90 2.46
CA SER B 133 -4.19 -17.28 1.05
C SER B 133 -5.14 -16.36 0.31
N VAL B 134 -4.96 -16.32 -1.01
CA VAL B 134 -5.88 -15.68 -1.96
C VAL B 134 -6.14 -16.65 -3.12
N GLY B 135 -7.29 -16.54 -3.77
CA GLY B 135 -7.54 -17.29 -4.99
C GLY B 135 -8.79 -16.85 -5.72
N THR B 136 -9.13 -17.64 -6.74
CA THR B 136 -10.25 -17.37 -7.63
C THR B 136 -10.44 -18.66 -8.45
N GLN B 137 -11.09 -18.62 -9.62
CA GLN B 137 -11.14 -19.82 -10.48
C GLN B 137 -9.74 -20.02 -11.04
N PHE B 138 -9.39 -21.24 -11.44
CA PHE B 138 -8.10 -21.42 -12.12
C PHE B 138 -8.00 -20.41 -13.29
N ALA B 139 -9.09 -20.34 -14.02
CA ALA B 139 -9.28 -19.45 -15.16
C ALA B 139 -10.68 -19.75 -15.66
N ILE B 140 -11.21 -18.84 -16.45
CA ILE B 140 -12.43 -19.10 -17.20
C ILE B 140 -12.11 -18.80 -18.66
N PHE B 141 -12.30 -19.81 -19.51
CA PHE B 141 -11.99 -19.72 -20.93
C PHE B 141 -13.26 -19.44 -21.70
N THR B 142 -13.10 -18.69 -22.78
CA THR B 142 -14.16 -18.51 -23.74
C THR B 142 -14.43 -19.82 -24.46
N TYR B 143 -15.57 -19.90 -25.14
CA TYR B 143 -15.82 -21.02 -26.03
C TYR B 143 -14.67 -21.18 -27.03
N LYS B 144 -14.26 -20.07 -27.63
CA LYS B 144 -13.26 -20.11 -28.70
C LYS B 144 -11.92 -20.70 -28.21
N ASP B 145 -11.53 -20.31 -27.01
CA ASP B 145 -10.24 -20.71 -26.48
C ASP B 145 -10.25 -22.11 -25.91
N PHE B 146 -11.38 -22.55 -25.37
CA PHE B 146 -11.51 -23.89 -24.79
C PHE B 146 -11.76 -24.95 -25.86
N ASP B 147 -12.61 -24.62 -26.83
CA ASP B 147 -13.02 -25.58 -27.85
C ASP B 147 -11.97 -25.94 -28.92
N ASP B 148 -11.00 -25.06 -29.14
CA ASP B 148 -9.85 -25.35 -30.00
C ASP B 148 -8.76 -25.85 -29.08
N PRO B 149 -8.51 -27.18 -29.08
CA PRO B 149 -7.50 -27.73 -28.16
C PRO B 149 -6.13 -27.06 -28.21
N ALA B 150 -5.72 -26.58 -29.37
CA ALA B 150 -4.43 -25.87 -29.50
C ALA B 150 -4.43 -24.55 -28.74
N ARG B 151 -5.53 -23.80 -28.85
CA ARG B 151 -5.68 -22.58 -28.05
C ARG B 151 -5.80 -22.90 -26.56
N ARG B 152 -6.60 -23.90 -26.23
CA ARG B 152 -6.74 -24.33 -24.85
C ARG B 152 -5.36 -24.65 -24.24
N GLU B 153 -4.60 -25.46 -24.95
CA GLU B 153 -3.33 -25.95 -24.42
C GLU B 153 -2.42 -24.80 -24.07
N GLU B 154 -2.32 -23.83 -24.97
CA GLU B 154 -1.36 -22.75 -24.78
C GLU B 154 -1.83 -21.83 -23.66
N LEU B 155 -3.14 -21.59 -23.62
CA LEU B 155 -3.71 -20.67 -22.63
C LEU B 155 -3.67 -21.28 -21.20
N ILE B 156 -3.75 -22.60 -21.06
CA ILE B 156 -3.56 -23.21 -19.74
C ILE B 156 -2.14 -22.90 -19.22
N LYS B 157 -1.15 -23.03 -20.09
CA LYS B 157 0.24 -22.70 -19.74
C LYS B 157 0.39 -21.24 -19.37
N ILE B 158 -0.29 -20.37 -20.12
CA ILE B 158 -0.27 -18.94 -19.83
C ILE B 158 -0.85 -18.69 -18.44
N ALA B 159 -1.94 -19.38 -18.13
CA ALA B 159 -2.65 -19.20 -16.87
C ALA B 159 -1.79 -19.65 -15.73
N ILE B 160 -1.07 -20.75 -15.91
CA ILE B 160 -0.19 -21.26 -14.88
C ILE B 160 0.95 -20.26 -14.60
N ASP B 161 1.48 -19.62 -15.65
CA ASP B 161 2.53 -18.61 -15.50
C ASP B 161 1.99 -17.43 -14.69
N CYS B 162 0.75 -17.00 -14.95
CA CYS B 162 0.11 -15.95 -14.17
C CYS B 162 0.11 -16.34 -12.69
N TRP B 163 -0.41 -17.54 -12.37
CA TRP B 163 -0.36 -18.02 -10.98
C TRP B 163 1.03 -17.98 -10.31
N ALA B 164 2.06 -18.40 -11.04
CA ALA B 164 3.41 -18.44 -10.52
C ALA B 164 3.89 -17.04 -10.13
N GLU B 165 3.54 -16.04 -10.94
CA GLU B 165 3.84 -14.63 -10.59
C GLU B 165 3.09 -14.13 -9.34
N VAL B 166 1.81 -14.45 -9.28
CA VAL B 166 1.03 -14.08 -8.10
C VAL B 166 1.66 -14.70 -6.87
N ALA B 167 1.94 -16.00 -6.94
CA ALA B 167 2.48 -16.76 -5.81
C ALA B 167 3.78 -16.14 -5.29
N GLU B 168 4.67 -15.80 -6.21
CA GLU B 168 5.94 -15.16 -5.90
C GLU B 168 5.66 -13.86 -5.12
N HIS B 169 4.81 -13.00 -5.66
CA HIS B 169 4.43 -11.84 -4.87
C HIS B 169 3.77 -12.19 -3.53
N ALA B 170 2.89 -13.20 -3.54
CA ALA B 170 2.13 -13.57 -2.34
C ALA B 170 3.06 -14.04 -1.23
N ALA B 171 4.16 -14.67 -1.60
CA ALA B 171 5.15 -15.11 -0.63
C ALA B 171 5.64 -13.89 0.15
N GLY B 172 6.00 -12.83 -0.59
CA GLY B 172 6.48 -11.61 0.00
C GLY B 172 5.46 -10.93 0.89
N ALA B 173 4.18 -11.10 0.58
CA ALA B 173 3.10 -10.51 1.36
C ALA B 173 2.71 -11.33 2.61
N GLY B 174 3.41 -12.44 2.87
CA GLY B 174 3.17 -13.25 4.08
C GLY B 174 2.17 -14.40 3.96
N LEU B 175 1.70 -14.70 2.75
CA LEU B 175 0.71 -15.73 2.54
C LEU B 175 1.32 -17.13 2.55
N ASP B 176 0.52 -18.13 2.91
CA ASP B 176 0.99 -19.52 2.97
C ASP B 176 0.80 -20.25 1.65
N TYR B 177 -0.28 -19.92 0.94
CA TYR B 177 -0.59 -20.56 -0.34
C TYR B 177 -1.53 -19.69 -1.20
N VAL B 178 -1.66 -20.05 -2.47
CA VAL B 178 -2.72 -19.54 -3.33
C VAL B 178 -3.58 -20.72 -3.76
N PHE B 179 -4.80 -20.44 -4.21
CA PHE B 179 -5.71 -21.53 -4.54
C PHE B 179 -6.62 -21.24 -5.75
N TRP B 180 -7.10 -22.32 -6.36
CA TRP B 180 -8.11 -22.23 -7.42
C TRP B 180 -9.36 -22.96 -7.00
N GLU B 181 -10.51 -22.46 -7.48
CA GLU B 181 -11.78 -23.10 -7.18
C GLU B 181 -12.23 -23.90 -8.37
N PRO B 182 -12.31 -25.23 -8.20
CA PRO B 182 -12.90 -26.07 -9.24
C PRO B 182 -14.38 -25.74 -9.44
N MET B 183 -14.82 -25.79 -10.69
CA MET B 183 -16.17 -25.40 -11.08
C MET B 183 -16.94 -26.60 -11.66
N SER B 184 -17.88 -26.36 -12.59
CA SER B 184 -18.86 -27.39 -12.97
C SER B 184 -18.98 -27.61 -14.50
N ILE B 185 -18.18 -26.91 -15.30
CA ILE B 185 -18.16 -27.05 -16.76
C ILE B 185 -16.70 -27.01 -17.20
N GLY B 186 -16.42 -27.66 -18.33
CA GLY B 186 -15.05 -27.79 -18.86
C GLY B 186 -14.24 -26.49 -18.87
N ARG B 187 -14.81 -25.46 -19.48
CA ARG B 187 -14.13 -24.18 -19.68
C ARG B 187 -13.92 -23.35 -18.39
N GLU B 188 -14.38 -23.87 -17.25
CA GLU B 188 -14.11 -23.29 -15.94
C GLU B 188 -13.31 -24.21 -15.03
N PHE B 189 -13.00 -25.40 -15.51
CA PHE B 189 -11.99 -26.30 -14.93
C PHE B 189 -12.43 -27.09 -13.71
N GLY B 190 -11.84 -28.27 -13.58
CA GLY B 190 -12.06 -29.14 -12.44
C GLY B 190 -13.47 -29.66 -12.27
N GLU B 191 -14.16 -29.85 -13.40
CA GLU B 191 -15.59 -30.15 -13.42
C GLU B 191 -15.93 -31.61 -13.11
N THR B 192 -14.92 -32.48 -13.11
CA THR B 192 -15.08 -33.84 -12.54
C THR B 192 -13.99 -34.00 -11.49
N ILE B 193 -14.16 -34.97 -10.58
CA ILE B 193 -13.17 -35.22 -9.54
C ILE B 193 -11.83 -35.54 -10.26
N ALA B 194 -11.90 -36.36 -11.30
CA ALA B 194 -10.69 -36.81 -11.99
C ALA B 194 -9.99 -35.64 -12.67
N GLU B 195 -10.75 -34.75 -13.34
CA GLU B 195 -10.15 -33.56 -13.97
C GLU B 195 -9.61 -32.62 -12.91
N CYS B 196 -10.36 -32.46 -11.83
CA CYS B 196 -9.94 -31.64 -10.72
C CYS B 196 -8.62 -32.12 -10.17
N MET B 197 -8.51 -33.40 -9.86
CA MET B 197 -7.27 -33.93 -9.26
C MET B 197 -6.12 -33.92 -10.25
N LYS B 198 -6.42 -34.15 -11.52
CA LYS B 198 -5.42 -34.03 -12.58
C LYS B 198 -4.79 -32.65 -12.65
N LEU B 199 -5.61 -31.63 -12.73
CA LEU B 199 -5.08 -30.26 -12.79
C LEU B 199 -4.29 -29.99 -11.49
N GLN B 200 -4.81 -30.42 -10.34
CA GLN B 200 -4.09 -30.21 -9.08
C GLN B 200 -2.70 -30.90 -9.06
N ASP B 201 -2.62 -32.14 -9.52
CA ASP B 201 -1.32 -32.84 -9.62
C ASP B 201 -0.32 -31.93 -10.38
N ARG B 202 -0.79 -31.34 -11.49
CA ARG B 202 0.05 -30.45 -12.28
C ARG B 202 0.45 -29.19 -11.52
N LEU B 203 -0.50 -28.59 -10.81
CA LEU B 203 -0.22 -27.38 -10.07
C LEU B 203 0.71 -27.63 -8.89
N THR B 204 0.55 -28.78 -8.22
CA THR B 204 1.44 -29.17 -7.12
C THR B 204 2.87 -29.41 -7.67
N ALA B 205 2.95 -30.05 -8.84
CA ALA B 205 4.25 -30.34 -9.48
C ALA B 205 4.99 -29.08 -9.93
N ALA B 206 4.25 -28.00 -10.18
CA ALA B 206 4.82 -26.72 -10.60
C ALA B 206 5.62 -26.06 -9.46
N ASN B 207 5.28 -26.41 -8.21
CA ASN B 207 6.11 -26.09 -7.05
C ASN B 207 6.35 -24.59 -6.94
N MET B 208 5.28 -23.84 -6.77
CA MET B 208 5.40 -22.37 -6.89
C MET B 208 6.08 -21.80 -5.65
N ALA B 209 6.35 -20.49 -5.64
CA ALA B 209 7.10 -19.86 -4.53
C ALA B 209 6.42 -20.14 -3.17
N ILE B 210 5.10 -20.13 -3.19
CA ILE B 210 4.30 -20.79 -2.17
C ILE B 210 3.43 -21.75 -2.95
N PRO B 211 2.97 -22.83 -2.30
CA PRO B 211 2.19 -23.86 -2.99
C PRO B 211 0.84 -23.37 -3.49
N MET B 212 0.37 -23.97 -4.56
CA MET B 212 -0.97 -23.72 -5.04
C MET B 212 -1.81 -24.95 -4.75
N TRP B 213 -2.90 -24.76 -4.01
CA TRP B 213 -3.86 -25.82 -3.64
C TRP B 213 -5.21 -25.50 -4.23
N MET B 214 -6.23 -26.32 -3.95
CA MET B 214 -7.57 -26.00 -4.41
C MET B 214 -8.41 -25.49 -3.26
N MET B 215 -9.59 -24.97 -3.62
CA MET B 215 -10.67 -24.79 -2.68
C MET B 215 -11.90 -25.41 -3.34
N ALA B 216 -12.12 -26.68 -3.08
CA ALA B 216 -13.29 -27.38 -3.56
C ALA B 216 -14.57 -26.84 -2.95
N ASP B 217 -15.62 -26.88 -3.76
CA ASP B 217 -17.00 -26.70 -3.31
C ASP B 217 -17.69 -28.03 -3.52
N ILE B 218 -18.23 -28.62 -2.44
CA ILE B 218 -18.82 -29.96 -2.53
C ILE B 218 -20.10 -30.02 -3.36
N ASP B 219 -20.68 -28.88 -3.71
CA ASP B 219 -21.88 -28.86 -4.54
C ASP B 219 -21.52 -28.59 -6.00
N HIS B 220 -20.24 -28.36 -6.28
CA HIS B 220 -19.81 -28.20 -7.68
C HIS B 220 -19.69 -29.57 -8.37
N GLY B 221 -19.47 -29.56 -9.67
CA GLY B 221 -19.28 -30.79 -10.44
C GLY B 221 -20.28 -30.88 -11.57
N ASP B 222 -19.89 -31.52 -12.65
CA ASP B 222 -20.74 -31.62 -13.82
C ASP B 222 -21.88 -32.58 -13.54
N VAL B 223 -23.07 -32.02 -13.41
CA VAL B 223 -24.31 -32.81 -13.22
C VAL B 223 -24.64 -33.78 -14.37
N THR B 224 -24.11 -33.54 -15.57
CA THR B 224 -24.32 -34.44 -16.72
C THR B 224 -23.30 -35.57 -16.83
N SER B 225 -22.33 -35.60 -15.94
CA SER B 225 -21.31 -36.63 -15.98
C SER B 225 -21.93 -38.03 -15.79
N ALA B 226 -21.44 -38.99 -16.55
CA ALA B 226 -21.83 -40.37 -16.34
C ALA B 226 -21.34 -40.91 -14.99
N ASN B 227 -20.39 -40.25 -14.33
CA ASN B 227 -19.94 -40.74 -13.03
C ASN B 227 -20.68 -40.06 -11.88
N PRO B 228 -21.53 -40.81 -11.15
CA PRO B 228 -22.34 -40.20 -10.09
C PRO B 228 -21.56 -39.48 -9.01
N ASP B 229 -20.29 -39.88 -8.81
CA ASP B 229 -19.45 -39.20 -7.83
C ASP B 229 -19.22 -37.72 -8.16
N ASP B 230 -19.30 -37.37 -9.45
CA ASP B 230 -18.94 -36.02 -9.88
C ASP B 230 -19.94 -34.96 -9.36
N TYR B 231 -21.15 -35.39 -9.02
CA TYR B 231 -22.18 -34.52 -8.46
C TYR B 231 -22.66 -34.97 -7.08
N ASP B 232 -21.85 -35.79 -6.41
CA ASP B 232 -22.14 -36.25 -5.04
C ASP B 232 -21.26 -35.52 -4.04
N PRO B 233 -21.85 -34.65 -3.22
CA PRO B 233 -21.09 -33.92 -2.20
C PRO B 233 -20.20 -34.76 -1.31
N TYR B 234 -20.66 -35.97 -1.00
CA TYR B 234 -19.91 -36.83 -0.10
C TYR B 234 -18.67 -37.40 -0.77
N ALA B 235 -18.76 -37.63 -2.08
CA ALA B 235 -17.60 -38.07 -2.87
C ALA B 235 -16.50 -36.99 -2.90
N TRP B 236 -16.87 -35.76 -3.24
CA TRP B 236 -15.94 -34.62 -3.10
C TRP B 236 -15.33 -34.52 -1.68
N ALA B 237 -16.18 -34.59 -0.67
CA ALA B 237 -15.72 -34.46 0.73
C ALA B 237 -14.68 -35.52 1.06
N ARG B 238 -14.86 -36.72 0.51
CA ARG B 238 -13.94 -37.83 0.75
C ARG B 238 -12.60 -37.69 0.04
N THR B 239 -12.57 -36.88 -1.01
CA THR B 239 -11.43 -36.86 -1.92
C THR B 239 -10.50 -35.72 -1.62
N VAL B 240 -11.08 -34.55 -1.33
CA VAL B 240 -10.31 -33.29 -1.36
C VAL B 240 -9.56 -32.78 -0.10
N PRO B 241 -9.86 -33.30 1.11
CA PRO B 241 -9.28 -32.65 2.27
C PRO B 241 -7.76 -32.44 2.23
N LYS B 242 -7.01 -33.37 1.68
CA LYS B 242 -5.57 -33.25 1.73
C LYS B 242 -5.04 -32.24 0.74
N VAL B 243 -5.87 -31.80 -0.19
CA VAL B 243 -5.43 -30.82 -1.18
C VAL B 243 -6.29 -29.54 -1.21
N SER B 244 -7.28 -29.45 -0.32
CA SER B 244 -8.22 -28.35 -0.27
C SER B 244 -8.32 -27.86 1.17
N PRO B 245 -7.37 -26.98 1.57
CA PRO B 245 -7.34 -26.47 2.95
C PRO B 245 -8.64 -25.78 3.38
N ILE B 246 -9.23 -25.00 2.48
CA ILE B 246 -10.58 -24.51 2.67
C ILE B 246 -11.54 -25.33 1.78
N ILE B 247 -12.71 -25.70 2.31
CA ILE B 247 -13.76 -26.42 1.55
C ILE B 247 -15.09 -25.67 1.68
N HIS B 248 -15.67 -25.30 0.54
CA HIS B 248 -16.97 -24.64 0.50
C HIS B 248 -18.14 -25.64 0.64
N ILE B 249 -19.13 -25.25 1.43
CA ILE B 249 -20.35 -26.04 1.54
C ILE B 249 -21.60 -25.18 1.51
N LYS B 250 -22.72 -25.82 1.16
CA LYS B 250 -24.06 -25.26 1.31
C LYS B 250 -25.03 -26.43 1.35
N GLN B 251 -26.28 -26.13 1.69
CA GLN B 251 -27.33 -27.16 1.67
C GLN B 251 -27.77 -27.41 0.24
N SER B 252 -28.30 -28.60 0.00
CA SER B 252 -28.62 -29.11 -1.34
C SER B 252 -29.95 -29.87 -1.31
N LEU B 253 -30.97 -29.38 -2.03
CA LEU B 253 -32.32 -29.96 -1.96
C LEU B 253 -32.39 -31.39 -2.56
N MET B 254 -32.88 -32.34 -1.76
CA MET B 254 -32.87 -33.76 -2.15
C MET B 254 -33.93 -34.05 -3.21
N HIS B 259 -29.54 -25.25 -4.57
CA HIS B 259 -28.63 -24.88 -3.47
C HIS B 259 -29.36 -23.94 -2.51
N ARG B 260 -29.01 -24.02 -1.23
CA ARG B 260 -29.76 -23.28 -0.21
C ARG B 260 -28.96 -23.12 1.09
N PRO B 261 -29.38 -22.18 1.96
CA PRO B 261 -28.74 -22.10 3.29
C PRO B 261 -29.22 -23.24 4.19
N PHE B 262 -28.51 -23.45 5.30
CA PHE B 262 -28.84 -24.52 6.25
C PHE B 262 -29.94 -24.13 7.22
N THR B 263 -31.13 -23.87 6.71
CA THR B 263 -32.29 -23.61 7.57
C THR B 263 -33.13 -24.87 7.74
N ALA B 264 -33.99 -24.84 8.76
CA ALA B 264 -34.81 -25.99 9.14
C ALA B 264 -35.53 -26.52 7.92
N ALA B 265 -36.18 -25.63 7.19
CA ALA B 265 -36.96 -26.01 6.01
C ALA B 265 -36.15 -26.80 5.00
N PHE B 266 -34.93 -26.33 4.73
CA PHE B 266 -34.10 -26.91 3.68
C PHE B 266 -33.24 -28.10 4.15
N ASN B 267 -32.99 -28.21 5.45
CA ASN B 267 -32.30 -29.39 6.01
C ASN B 267 -33.23 -30.62 6.03
N ALA B 268 -34.52 -30.39 6.32
CA ALA B 268 -35.55 -31.42 6.28
C ALA B 268 -35.59 -32.12 4.91
N LYS B 269 -35.48 -31.32 3.83
CA LYS B 269 -35.34 -31.84 2.46
C LYS B 269 -33.90 -31.65 1.93
N GLY B 270 -32.91 -31.89 2.80
CA GLY B 270 -31.51 -31.56 2.50
C GLY B 270 -30.63 -32.76 2.23
N ARG B 271 -29.79 -32.67 1.21
CA ARG B 271 -28.91 -33.78 0.83
C ARG B 271 -27.69 -33.85 1.75
N ILE B 272 -27.30 -32.75 2.39
CA ILE B 272 -26.12 -32.82 3.24
C ILE B 272 -26.43 -32.61 4.75
N GLN B 273 -25.92 -33.54 5.55
CA GLN B 273 -26.20 -33.57 6.99
C GLN B 273 -24.89 -33.76 7.74
N PRO B 274 -24.77 -33.15 8.92
CA PRO B 274 -23.47 -33.03 9.59
C PRO B 274 -22.77 -34.35 9.85
N GLU B 275 -23.43 -35.31 10.50
CA GLU B 275 -22.77 -36.57 10.85
C GLU B 275 -22.16 -37.28 9.62
N PRO B 276 -22.98 -37.60 8.61
CA PRO B 276 -22.38 -38.13 7.36
C PRO B 276 -21.34 -37.22 6.68
N LEU B 277 -21.50 -35.90 6.73
CA LEU B 277 -20.48 -35.04 6.10
C LEU B 277 -19.15 -35.14 6.84
N LEU B 278 -19.19 -35.13 8.17
CA LEU B 278 -17.95 -35.21 8.95
C LEU B 278 -17.27 -36.55 8.79
N LYS B 279 -18.07 -37.61 8.70
CA LYS B 279 -17.55 -38.92 8.39
C LYS B 279 -16.77 -38.90 7.07
N ALA B 280 -17.35 -38.31 6.02
CA ALA B 280 -16.69 -38.24 4.71
C ALA B 280 -15.38 -37.44 4.78
N PHE B 281 -15.40 -36.27 5.42
CA PHE B 281 -14.17 -35.48 5.60
C PHE B 281 -13.10 -36.33 6.29
N ALA B 282 -13.47 -36.98 7.37
CA ALA B 282 -12.53 -37.82 8.10
C ALA B 282 -12.02 -38.98 7.25
N GLU B 283 -12.88 -39.63 6.47
CA GLU B 283 -12.46 -40.71 5.54
C GLU B 283 -11.44 -40.16 4.53
N GLY B 284 -11.63 -38.91 4.13
CA GLY B 284 -10.72 -38.23 3.23
C GLY B 284 -9.47 -37.64 3.88
N GLY B 285 -9.25 -37.98 5.14
CA GLY B 285 -8.04 -37.60 5.85
C GLY B 285 -8.06 -36.17 6.34
N ALA B 286 -9.24 -35.56 6.46
CA ALA B 286 -9.31 -34.23 7.02
C ALA B 286 -8.70 -34.21 8.40
N VAL B 287 -7.89 -33.18 8.68
CA VAL B 287 -7.38 -32.94 10.01
C VAL B 287 -7.83 -31.57 10.51
N ASP B 288 -7.42 -30.50 9.81
CA ASP B 288 -7.70 -29.14 10.26
C ASP B 288 -8.16 -28.21 9.13
N ASN B 289 -8.93 -28.74 8.19
CA ASN B 289 -9.49 -27.91 7.13
C ASN B 289 -10.46 -26.88 7.67
N GLU B 290 -10.55 -25.78 6.95
CA GLU B 290 -11.57 -24.79 7.16
C GLU B 290 -12.81 -25.11 6.34
N ILE B 291 -13.95 -25.22 7.01
CA ILE B 291 -15.22 -25.53 6.36
C ILE B 291 -15.95 -24.20 6.23
N CYS B 292 -16.19 -23.81 4.98
CA CYS B 292 -16.61 -22.45 4.66
C CYS B 292 -18.01 -22.38 4.07
N LEU B 293 -18.91 -21.69 4.77
CA LEU B 293 -20.29 -21.56 4.32
C LEU B 293 -20.34 -20.61 3.13
N GLU B 294 -20.87 -21.13 2.02
CA GLU B 294 -21.05 -20.39 0.76
C GLU B 294 -22.55 -20.28 0.48
N LEU B 295 -23.16 -19.11 0.71
CA LEU B 295 -24.62 -18.94 0.73
C LEU B 295 -25.04 -17.76 -0.16
N SER B 296 -26.24 -17.81 -0.72
CA SER B 296 -26.72 -16.72 -1.57
C SER B 296 -28.17 -16.37 -1.29
N PHE B 297 -28.53 -15.11 -1.58
CA PHE B 297 -29.88 -14.60 -1.34
C PHE B 297 -30.27 -13.64 -2.44
N LYS B 298 -31.43 -13.82 -3.04
CA LYS B 298 -31.86 -12.99 -4.16
C LYS B 298 -32.10 -11.58 -3.68
N GLU B 299 -31.88 -10.62 -4.56
CA GLU B 299 -32.19 -9.21 -4.28
C GLU B 299 -33.69 -8.92 -4.54
N ARG B 300 -34.52 -9.61 -3.77
CA ARG B 300 -35.97 -9.49 -3.81
C ARG B 300 -36.52 -9.78 -2.43
N GLU B 301 -37.70 -9.23 -2.13
CA GLU B 301 -38.31 -9.51 -0.84
C GLU B 301 -39.05 -10.85 -0.91
N PRO B 302 -39.08 -11.60 0.21
CA PRO B 302 -38.42 -11.25 1.46
C PRO B 302 -36.99 -11.75 1.57
N ASN B 303 -36.50 -12.45 0.55
CA ASN B 303 -35.17 -13.05 0.57
CA ASN B 303 -35.18 -13.08 0.65
C ASN B 303 -34.06 -12.07 1.01
N ASP B 304 -34.11 -10.86 0.47
CA ASP B 304 -33.03 -9.87 0.71
C ASP B 304 -32.84 -9.55 2.18
N ARG B 305 -33.89 -9.74 2.97
CA ARG B 305 -33.88 -9.45 4.40
C ARG B 305 -33.89 -10.73 5.26
N GLU B 306 -33.71 -11.88 4.63
CA GLU B 306 -33.50 -13.13 5.35
C GLU B 306 -32.02 -13.44 5.49
N VAL B 307 -31.16 -12.57 4.94
CA VAL B 307 -29.71 -12.81 4.86
C VAL B 307 -29.10 -13.05 6.22
N ILE B 308 -29.18 -12.06 7.09
CA ILE B 308 -28.59 -12.25 8.42
C ILE B 308 -29.29 -13.35 9.25
N PRO B 309 -30.64 -13.41 9.26
CA PRO B 309 -31.21 -14.51 10.07
C PRO B 309 -30.77 -15.89 9.58
N GLN B 310 -30.75 -16.12 8.27
CA GLN B 310 -30.50 -17.47 7.75
C GLN B 310 -29.03 -17.83 7.78
N ILE B 311 -28.14 -16.85 7.62
CA ILE B 311 -26.73 -17.10 7.90
C ILE B 311 -26.55 -17.42 9.39
N ALA B 312 -27.15 -16.62 10.27
CA ALA B 312 -27.07 -16.92 11.70
C ALA B 312 -27.57 -18.34 12.00
N GLU B 313 -28.72 -18.72 11.42
CA GLU B 313 -29.27 -20.06 11.58
C GLU B 313 -28.32 -21.11 11.02
N SER B 314 -27.69 -20.82 9.88
CA SER B 314 -26.79 -21.76 9.23
C SER B 314 -25.56 -22.01 10.08
N VAL B 315 -25.03 -20.97 10.72
CA VAL B 315 -23.87 -21.09 11.60
C VAL B 315 -24.22 -21.93 12.82
N ALA B 316 -25.34 -21.60 13.44
CA ALA B 316 -25.82 -22.32 14.64
C ALA B 316 -26.15 -23.79 14.38
N PHE B 317 -26.48 -24.12 13.13
CA PHE B 317 -26.73 -25.51 12.73
C PHE B 317 -25.45 -26.33 12.79
N TRP B 318 -24.34 -25.68 12.47
CA TRP B 318 -23.03 -26.32 12.43
C TRP B 318 -22.26 -26.24 13.73
N ALA B 319 -22.58 -25.27 14.57
CA ALA B 319 -21.82 -25.02 15.81
C ALA B 319 -21.56 -26.27 16.68
N PRO B 320 -22.59 -27.08 16.94
CA PRO B 320 -22.40 -28.31 17.70
C PRO B 320 -21.52 -29.38 17.02
N HIS B 321 -21.21 -29.19 15.74
CA HIS B 321 -20.42 -30.16 14.99
C HIS B 321 -19.08 -29.63 14.57
N ILE B 322 -19.02 -28.34 14.30
CA ILE B 322 -17.75 -27.72 13.93
C ILE B 322 -17.60 -26.43 14.70
N ASP B 323 -16.40 -26.22 15.23
CA ASP B 323 -16.08 -25.08 16.09
C ASP B 323 -16.15 -23.75 15.34
N THR B 324 -16.98 -22.86 15.83
CA THR B 324 -17.23 -21.59 15.18
C THR B 324 -16.24 -20.52 15.64
N GLY B 325 -15.45 -20.84 16.68
CA GLY B 325 -14.48 -19.91 17.23
C GLY B 325 -15.09 -18.77 18.01
N ALA B 326 -16.38 -18.89 18.36
CA ALA B 326 -17.10 -17.81 19.01
C ALA B 326 -16.51 -17.44 20.37
N LYS B 327 -15.84 -18.40 21.02
CA LYS B 327 -15.08 -18.11 22.25
C LYS B 327 -14.16 -16.88 22.13
N ASP B 328 -13.63 -16.66 20.94
CA ASP B 328 -12.64 -15.60 20.71
C ASP B 328 -13.23 -14.25 20.41
N LEU B 329 -14.55 -14.18 20.21
CA LEU B 329 -15.21 -12.91 19.90
C LEU B 329 -15.23 -12.00 21.13
N LYS B 330 -15.02 -10.71 20.90
CA LYS B 330 -14.85 -9.73 21.97
C LYS B 330 -16.10 -8.87 22.16
N ILE B 331 -17.09 -9.05 21.28
CA ILE B 331 -18.36 -8.30 21.35
C ILE B 331 -19.52 -9.21 20.99
#